data_7DSA
#
_entry.id   7DSA
#
_cell.length_a   160.293
_cell.length_b   160.293
_cell.length_c   51.999
_cell.angle_alpha   90.000
_cell.angle_beta   90.000
_cell.angle_gamma   120.000
#
_symmetry.space_group_name_H-M   'P 62'
#
loop_
_entity.id
_entity.type
_entity.pdbx_description
1 polymer 'F-actin-capping protein subunit alpha-1'
2 polymer 'F-actin-capping protein subunit beta isoforms 1'
3 polymer Myotrophin
4 non-polymer 'MAGNESIUM ION'
5 water water
#
loop_
_entity_poly.entity_id
_entity_poly.type
_entity_poly.pdbx_seq_one_letter_code
_entity_poly.pdbx_strand_id
1 'polypeptide(L)'
;MADFEDRVSDEEKVRIAAKFITHAPPGEFNEVFNDVRLLLNNDNLLREGAAHAFAQYNMDQFTPVKIEGYDDQVLITEHG
DLGNGRFLDPRNKISFKFDHLRKEASDPQPEDTESALKQWRDACDSALRAYVKDHYPNGFCTVYGKSIDGQQTIIACIES
HQFQPKNFWNGRWRSEWKFTITPPTAQVAAVLKIQVHYYEDGNVQLVSHKDIQDSVQVSSDVQTAKEFIKIIENAENEYQ
TAISENYQTMSDTTFKALRRQLPVTRTKIDWNKILSYKIGKEMQNA
;
A
2 'polypeptide(L)'
;MSDQQLDCALDLMRRLPPQQIEKNLSDLIDLVPSLCEDLLSSVDQPLKIARDKVVGKDYLLCDYNRDGDSYRSPWSNKYD
PPLEDGAMPSARLRKLEVEANNAFDQYRDLYFEGGVSSVYLWDLDHGFAGVILIKKAGDGSKKIKGCWDSIHVVEVQEKS
SGRTAHYKLTSTVMLWLQTNKTGSGTMNLGGSLTRQMEKDETVSDSSPHIANIGRLVEDMENKIRSTLNEIYFGKTKDIV
NGLR
;
B
3 'polypeptide(L)'
;GPLGSMCDKEFMWALKNGDLDEVKDYVAKGEDVNRTLEGGRKPLHYAADCGQLEILEFLLLKGADINAPDKHHITPLLSA
VYEGHVSCVKLLLSKGADKTVKGPDGLTAFEATDNQAIKALLQ
;
C
#
loop_
_chem_comp.id
_chem_comp.type
_chem_comp.name
_chem_comp.formula
MG non-polymer 'MAGNESIUM ION' 'Mg 2'
#
# COMPACT_ATOMS: atom_id res chain seq x y z
N SER A 9 -20.90 -26.64 5.63
CA SER A 9 -19.51 -26.61 6.09
C SER A 9 -18.55 -27.18 5.04
N ASP A 10 -18.78 -28.43 4.63
CA ASP A 10 -17.86 -29.08 3.69
C ASP A 10 -18.04 -28.57 2.27
N GLU A 11 -19.12 -27.87 1.98
CA GLU A 11 -19.20 -27.00 0.81
C GLU A 11 -18.57 -25.64 1.08
N GLU A 12 -18.32 -25.30 2.36
CA GLU A 12 -17.74 -24.01 2.69
C GLU A 12 -16.23 -24.06 2.84
N LYS A 13 -15.67 -25.25 3.09
CA LYS A 13 -14.22 -25.38 3.23
C LYS A 13 -13.51 -25.40 1.88
N VAL A 14 -14.20 -25.87 0.84
CA VAL A 14 -13.64 -25.79 -0.51
C VAL A 14 -13.86 -24.39 -1.09
N ARG A 15 -14.95 -23.73 -0.70
CA ARG A 15 -15.14 -22.35 -1.13
C ARG A 15 -14.08 -21.44 -0.54
N ILE A 16 -13.71 -21.67 0.72
CA ILE A 16 -12.61 -20.91 1.31
C ILE A 16 -11.29 -21.30 0.68
N ALA A 17 -11.06 -22.60 0.47
CA ALA A 17 -9.79 -23.06 -0.09
C ALA A 17 -9.62 -22.58 -1.53
N ALA A 18 -10.71 -22.52 -2.29
CA ALA A 18 -10.62 -22.04 -3.67
C ALA A 18 -10.28 -20.56 -3.71
N LYS A 19 -10.82 -19.78 -2.77
CA LYS A 19 -10.53 -18.35 -2.75
C LYS A 19 -9.07 -18.08 -2.42
N PHE A 20 -8.50 -18.84 -1.48
CA PHE A 20 -7.09 -18.66 -1.13
C PHE A 20 -6.18 -18.95 -2.32
N ILE A 21 -6.50 -20.00 -3.07
CA ILE A 21 -5.72 -20.34 -4.27
C ILE A 21 -5.88 -19.27 -5.34
N THR A 22 -7.08 -18.69 -5.45
CA THR A 22 -7.31 -17.62 -6.43
C THR A 22 -6.41 -16.41 -6.19
N HIS A 23 -6.14 -16.09 -4.93
CA HIS A 23 -5.37 -14.90 -4.58
C HIS A 23 -3.90 -15.21 -4.28
N ALA A 24 -3.34 -16.23 -4.92
CA ALA A 24 -1.92 -16.49 -4.75
C ALA A 24 -1.09 -15.50 -5.56
N PRO A 25 0.05 -15.07 -5.05
CA PRO A 25 0.91 -14.14 -5.82
C PRO A 25 1.48 -14.83 -7.06
N PRO A 26 1.88 -14.06 -8.06
CA PRO A 26 2.53 -14.68 -9.23
C PRO A 26 3.82 -15.37 -8.84
N GLY A 27 3.97 -16.62 -9.28
CA GLY A 27 5.15 -17.41 -8.97
C GLY A 27 5.13 -18.09 -7.61
N GLU A 28 4.01 -18.00 -6.89
CA GLU A 28 3.89 -18.61 -5.57
C GLU A 28 2.65 -19.49 -5.49
N PHE A 29 2.18 -20.00 -6.63
CA PHE A 29 1.01 -20.87 -6.64
C PHE A 29 1.28 -22.18 -5.92
N ASN A 30 2.48 -22.75 -6.10
CA ASN A 30 2.79 -24.03 -5.49
C ASN A 30 2.82 -23.93 -3.97
N GLU A 31 3.44 -22.87 -3.42
CA GLU A 31 3.50 -22.73 -1.98
C GLU A 31 2.14 -22.50 -1.36
N VAL A 32 1.22 -21.84 -2.09
CA VAL A 32 -0.12 -21.63 -1.58
C VAL A 32 -0.94 -22.91 -1.67
N PHE A 33 -0.73 -23.71 -2.72
CA PHE A 33 -1.47 -24.96 -2.86
C PHE A 33 -1.13 -25.94 -1.75
N ASN A 34 0.15 -26.00 -1.35
CA ASN A 34 0.54 -26.89 -0.27
C ASN A 34 -0.05 -26.45 1.05
N ASP A 35 -0.02 -25.14 1.35
CA ASP A 35 -0.63 -24.65 2.57
C ASP A 35 -2.13 -24.94 2.60
N VAL A 36 -2.78 -24.84 1.44
CA VAL A 36 -4.21 -25.14 1.38
C VAL A 36 -4.45 -26.64 1.51
N ARG A 37 -3.58 -27.46 0.90
CA ARG A 37 -3.74 -28.91 0.99
C ARG A 37 -3.54 -29.40 2.41
N LEU A 38 -2.49 -28.94 3.08
CA LEU A 38 -2.23 -29.35 4.45
C LEU A 38 -3.22 -28.76 5.44
N LEU A 39 -3.96 -27.72 5.06
CA LEU A 39 -4.97 -27.14 5.93
C LEU A 39 -6.33 -27.79 5.76
N LEU A 40 -6.74 -28.02 4.51
CA LEU A 40 -8.03 -28.67 4.27
C LEU A 40 -7.97 -30.15 4.66
N ASN A 41 -6.84 -30.80 4.41
CA ASN A 41 -6.62 -32.19 4.81
C ASN A 41 -7.70 -33.11 4.26
N ASN A 42 -8.06 -32.88 2.99
CA ASN A 42 -9.11 -33.65 2.33
C ASN A 42 -8.80 -33.57 0.83
N ASP A 43 -7.86 -34.41 0.40
CA ASP A 43 -7.28 -34.31 -0.94
C ASP A 43 -8.28 -34.53 -2.06
N ASN A 44 -9.35 -35.29 -1.81
CA ASN A 44 -10.36 -35.46 -2.85
C ASN A 44 -11.38 -34.32 -2.86
N LEU A 45 -11.66 -33.71 -1.71
CA LEU A 45 -12.45 -32.48 -1.71
C LEU A 45 -11.73 -31.38 -2.46
N LEU A 46 -10.39 -31.35 -2.39
CA LEU A 46 -9.61 -30.30 -3.01
C LEU A 46 -9.49 -30.47 -4.51
N ARG A 47 -9.48 -31.71 -5.00
CA ARG A 47 -9.23 -31.94 -6.43
C ARG A 47 -10.47 -31.72 -7.28
N GLU A 48 -11.64 -32.13 -6.79
CA GLU A 48 -12.87 -31.92 -7.55
C GLU A 48 -13.63 -30.67 -7.12
N GLY A 49 -13.41 -30.19 -5.90
CA GLY A 49 -14.04 -28.97 -5.45
C GLY A 49 -13.34 -27.73 -5.96
N ALA A 50 -12.01 -27.70 -5.82
CA ALA A 50 -11.21 -26.57 -6.25
C ALA A 50 -10.60 -26.75 -7.62
N ALA A 51 -11.12 -27.70 -8.41
CA ALA A 51 -10.63 -27.87 -9.79
C ALA A 51 -10.84 -26.60 -10.60
N HIS A 52 -12.01 -25.96 -10.45
CA HIS A 52 -12.27 -24.71 -11.16
C HIS A 52 -11.35 -23.59 -10.69
N ALA A 53 -10.88 -23.66 -9.43
CA ALA A 53 -10.00 -22.62 -8.91
C ALA A 53 -8.62 -22.69 -9.54
N PHE A 54 -8.11 -23.91 -9.74
CA PHE A 54 -6.82 -24.06 -10.42
C PHE A 54 -6.91 -23.55 -11.85
N ALA A 55 -8.03 -23.82 -12.52
CA ALA A 55 -8.22 -23.30 -13.87
C ALA A 55 -8.48 -21.80 -13.86
N GLN A 56 -9.08 -21.29 -12.79
CA GLN A 56 -9.35 -19.85 -12.72
C GLN A 56 -8.06 -19.07 -12.53
N TYR A 57 -7.15 -19.58 -11.71
CA TYR A 57 -5.88 -18.88 -11.48
C TYR A 57 -5.06 -18.82 -12.76
N ASN A 58 -4.90 -19.97 -13.44
CA ASN A 58 -4.07 -20.00 -14.64
C ASN A 58 -4.66 -19.11 -15.73
N MET A 59 -5.98 -19.09 -15.87
CA MET A 59 -6.59 -18.28 -16.91
C MET A 59 -6.51 -16.79 -16.59
N ASP A 60 -6.59 -16.44 -15.30
CA ASP A 60 -6.52 -15.03 -14.93
C ASP A 60 -5.09 -14.50 -14.98
N GLN A 61 -4.10 -15.35 -14.73
CA GLN A 61 -2.70 -14.95 -14.71
C GLN A 61 -2.04 -15.01 -16.09
N PHE A 62 -2.77 -15.43 -17.13
CA PHE A 62 -2.23 -15.58 -18.48
C PHE A 62 -0.98 -16.45 -18.46
N THR A 63 -1.12 -17.65 -17.91
CA THR A 63 0.01 -18.55 -17.73
C THR A 63 0.57 -19.00 -19.07
N PRO A 64 1.82 -18.69 -19.40
CA PRO A 64 2.41 -19.22 -20.63
C PRO A 64 2.78 -20.69 -20.47
N VAL A 65 2.61 -21.45 -21.55
CA VAL A 65 2.89 -22.88 -21.54
C VAL A 65 3.65 -23.23 -22.82
N LYS A 66 4.62 -24.14 -22.70
CA LYS A 66 5.42 -24.58 -23.83
C LYS A 66 4.90 -25.91 -24.33
N ILE A 67 4.40 -25.92 -25.57
CA ILE A 67 3.90 -27.14 -26.21
C ILE A 67 5.03 -27.78 -27.00
N GLU A 68 5.14 -29.10 -26.90
CA GLU A 68 6.25 -29.83 -27.51
C GLU A 68 6.16 -29.73 -29.03
N GLY A 69 7.23 -29.21 -29.65
CA GLY A 69 7.31 -29.14 -31.09
C GLY A 69 6.70 -27.90 -31.72
N TYR A 70 6.16 -26.97 -30.93
CA TYR A 70 5.54 -25.78 -31.48
C TYR A 70 6.23 -24.48 -31.05
N ASP A 71 7.29 -24.57 -30.22
CA ASP A 71 8.22 -23.48 -29.99
C ASP A 71 7.59 -22.25 -29.34
N ASP A 72 6.66 -21.59 -30.03
CA ASP A 72 6.07 -20.36 -29.52
C ASP A 72 5.13 -20.67 -28.35
N GLN A 73 5.38 -20.06 -27.21
CA GLN A 73 4.55 -20.30 -26.03
C GLN A 73 3.19 -19.61 -26.20
N VAL A 74 2.17 -20.23 -25.64
CA VAL A 74 0.80 -19.75 -25.73
C VAL A 74 0.26 -19.52 -24.33
N LEU A 75 -0.56 -18.49 -24.20
CA LEU A 75 -1.12 -18.10 -22.90
C LEU A 75 -2.43 -18.84 -22.63
N ILE A 76 -2.60 -19.25 -21.38
CA ILE A 76 -3.85 -19.84 -20.91
C ILE A 76 -4.76 -18.69 -20.50
N THR A 77 -5.79 -18.42 -21.31
CA THR A 77 -6.72 -17.32 -21.05
C THR A 77 -8.14 -17.83 -21.16
N GLU A 78 -9.09 -17.02 -20.68
CA GLU A 78 -10.51 -17.35 -20.83
C GLU A 78 -10.92 -17.34 -22.29
N HIS A 79 -10.23 -16.58 -23.13
CA HIS A 79 -10.52 -16.54 -24.55
C HIS A 79 -10.01 -17.77 -25.29
N GLY A 80 -9.02 -18.47 -24.71
CA GLY A 80 -8.56 -19.71 -25.27
C GLY A 80 -9.28 -20.94 -24.78
N ASP A 81 -10.17 -20.80 -23.80
CA ASP A 81 -10.95 -21.91 -23.29
C ASP A 81 -11.95 -22.35 -24.36
N LEU A 82 -11.84 -23.61 -24.80
CA LEU A 82 -12.71 -24.16 -25.82
C LEU A 82 -13.92 -24.88 -25.25
N GLY A 83 -14.10 -24.84 -23.93
CA GLY A 83 -15.27 -25.44 -23.30
C GLY A 83 -15.25 -26.94 -23.17
N ASN A 84 -14.11 -27.59 -23.43
CA ASN A 84 -14.01 -29.04 -23.31
C ASN A 84 -12.72 -29.45 -22.63
N GLY A 85 -12.23 -28.65 -21.69
CA GLY A 85 -10.96 -28.89 -21.04
C GLY A 85 -9.75 -28.63 -21.90
N ARG A 86 -9.93 -28.19 -23.13
CA ARG A 86 -8.84 -27.92 -24.05
C ARG A 86 -8.68 -26.42 -24.23
N PHE A 87 -7.50 -26.02 -24.72
CA PHE A 87 -7.21 -24.62 -24.97
C PHE A 87 -6.69 -24.45 -26.39
N LEU A 88 -6.96 -23.28 -26.96
CA LEU A 88 -6.66 -23.00 -28.35
C LEU A 88 -5.37 -22.19 -28.47
N ASP A 89 -4.51 -22.61 -29.40
CA ASP A 89 -3.36 -21.81 -29.81
C ASP A 89 -3.67 -21.21 -31.19
N PRO A 90 -4.12 -19.96 -31.26
CA PRO A 90 -4.52 -19.41 -32.55
C PRO A 90 -3.36 -19.28 -33.54
N ARG A 91 -2.12 -19.17 -33.07
CA ARG A 91 -0.98 -19.06 -33.96
C ARG A 91 -0.85 -20.32 -34.81
N ASN A 92 -0.45 -21.42 -34.19
CA ASN A 92 -0.48 -22.74 -34.83
C ASN A 92 -1.85 -23.34 -34.56
N LYS A 93 -2.76 -23.20 -35.52
CA LYS A 93 -4.17 -23.55 -35.33
C LYS A 93 -4.37 -24.96 -34.76
N ILE A 94 -4.13 -25.12 -33.46
CA ILE A 94 -4.27 -26.40 -32.78
C ILE A 94 -4.95 -26.19 -31.43
N SER A 95 -5.45 -27.29 -30.88
CA SER A 95 -5.97 -27.34 -29.52
C SER A 95 -5.19 -28.40 -28.75
N PHE A 96 -5.26 -28.33 -27.43
CA PHE A 96 -4.45 -29.23 -26.62
C PHE A 96 -5.06 -29.37 -25.23
N LYS A 97 -4.81 -30.52 -24.61
CA LYS A 97 -5.14 -30.70 -23.21
C LYS A 97 -4.17 -29.91 -22.34
N PHE A 98 -4.68 -29.33 -21.27
CA PHE A 98 -3.85 -28.61 -20.31
C PHE A 98 -4.22 -29.04 -18.90
N ASP A 99 -3.26 -29.56 -18.17
CA ASP A 99 -3.44 -29.97 -16.77
C ASP A 99 -3.10 -28.77 -15.89
N HIS A 100 -4.12 -28.16 -15.29
CA HIS A 100 -3.92 -26.93 -14.52
C HIS A 100 -3.09 -27.13 -13.26
N LEU A 101 -2.85 -28.36 -12.83
CA LEU A 101 -2.05 -28.58 -11.63
C LEU A 101 -0.58 -28.71 -11.97
N ARG A 102 -0.23 -29.56 -12.94
CA ARG A 102 1.15 -29.68 -13.38
C ARG A 102 1.54 -28.61 -14.40
N LYS A 103 0.58 -27.87 -14.93
CA LYS A 103 0.83 -26.87 -15.98
C LYS A 103 1.54 -27.51 -17.17
N GLU A 104 0.97 -28.62 -17.64
CA GLU A 104 1.50 -29.38 -18.76
C GLU A 104 0.51 -29.36 -19.91
N ALA A 105 1.04 -29.41 -21.13
CA ALA A 105 0.26 -29.48 -22.35
C ALA A 105 0.42 -30.87 -22.98
N SER A 106 -0.66 -31.36 -23.58
CA SER A 106 -0.67 -32.69 -24.18
C SER A 106 -1.84 -32.80 -25.14
N ASP A 107 -1.84 -33.89 -25.91
CA ASP A 107 -2.90 -34.29 -26.83
C ASP A 107 -3.24 -33.18 -27.83
N PRO A 108 -2.31 -32.78 -28.69
CA PRO A 108 -2.61 -31.71 -29.65
C PRO A 108 -3.44 -32.22 -30.83
N GLN A 109 -4.36 -31.38 -31.28
CA GLN A 109 -5.22 -31.64 -32.42
C GLN A 109 -5.47 -30.35 -33.17
N PRO A 110 -5.60 -30.40 -34.49
CA PRO A 110 -5.77 -29.17 -35.28
C PRO A 110 -7.07 -28.45 -34.94
N GLU A 111 -7.04 -27.13 -35.09
CA GLU A 111 -8.20 -26.28 -34.83
C GLU A 111 -8.13 -25.00 -35.67
N SER A 115 -12.02 -18.43 -37.31
CA SER A 115 -12.23 -18.97 -38.65
C SER A 115 -12.61 -17.87 -39.64
N ALA A 116 -13.72 -17.17 -39.34
CA ALA A 116 -14.18 -16.10 -40.22
C ALA A 116 -13.25 -14.89 -40.15
N LEU A 117 -12.81 -14.54 -38.95
CA LEU A 117 -11.91 -13.41 -38.74
C LEU A 117 -10.46 -13.88 -38.59
N LYS A 118 -10.04 -14.82 -39.44
CA LYS A 118 -8.72 -15.43 -39.27
C LYS A 118 -7.59 -14.55 -39.81
N GLN A 119 -7.83 -13.79 -40.87
CA GLN A 119 -6.76 -13.01 -41.48
C GLN A 119 -6.36 -11.83 -40.59
N TRP A 120 -7.34 -11.15 -39.98
CA TRP A 120 -7.01 -10.04 -39.10
C TRP A 120 -6.26 -10.53 -37.85
N ARG A 121 -6.61 -11.72 -37.37
CA ARG A 121 -5.89 -12.28 -36.23
C ARG A 121 -4.43 -12.58 -36.58
N ASP A 122 -4.20 -13.13 -37.78
CA ASP A 122 -2.83 -13.38 -38.22
C ASP A 122 -2.06 -12.07 -38.37
N ALA A 123 -2.72 -11.01 -38.83
CA ALA A 123 -2.05 -9.74 -39.01
C ALA A 123 -1.74 -9.10 -37.66
N CYS A 124 -2.75 -8.99 -36.79
CA CYS A 124 -2.53 -8.40 -35.47
C CYS A 124 -1.53 -9.21 -34.66
N ASP A 125 -1.49 -10.53 -34.85
CA ASP A 125 -0.50 -11.34 -34.15
C ASP A 125 0.91 -11.01 -34.64
N SER A 126 1.09 -10.92 -35.96
CA SER A 126 2.41 -10.63 -36.51
C SER A 126 2.93 -9.29 -36.03
N ALA A 127 2.04 -8.28 -35.94
CA ALA A 127 2.45 -6.98 -35.44
C ALA A 127 2.70 -7.00 -33.94
N LEU A 128 1.91 -7.78 -33.20
CA LEU A 128 2.04 -7.79 -31.74
C LEU A 128 3.33 -8.48 -31.30
N ARG A 129 3.74 -9.53 -32.02
CA ARG A 129 4.94 -10.26 -31.63
C ARG A 129 6.18 -9.37 -31.68
N ALA A 130 6.29 -8.55 -32.73
CA ALA A 130 7.43 -7.63 -32.82
C ALA A 130 7.34 -6.54 -31.76
N TYR A 131 6.13 -6.09 -31.43
CA TYR A 131 5.96 -5.11 -30.37
C TYR A 131 6.40 -5.68 -29.02
N VAL A 132 5.99 -6.90 -28.71
CA VAL A 132 6.33 -7.51 -27.43
C VAL A 132 7.84 -7.74 -27.34
N LYS A 133 8.47 -8.10 -28.46
CA LYS A 133 9.92 -8.32 -28.44
C LYS A 133 10.69 -7.02 -28.23
N ASP A 134 10.13 -5.89 -28.66
CA ASP A 134 10.81 -4.60 -28.54
C ASP A 134 10.59 -3.92 -27.19
N HIS A 135 9.70 -4.45 -26.34
CA HIS A 135 9.38 -3.78 -25.09
C HIS A 135 9.42 -4.69 -23.86
N TYR A 136 9.43 -6.01 -24.03
CA TYR A 136 9.42 -6.91 -22.90
C TYR A 136 10.60 -7.89 -22.99
N PRO A 137 11.28 -8.15 -21.88
CA PRO A 137 12.38 -9.13 -21.90
C PRO A 137 11.88 -10.54 -22.21
N ASN A 138 11.29 -11.19 -21.20
CA ASN A 138 10.72 -12.52 -21.38
C ASN A 138 9.20 -12.41 -21.52
N GLY A 139 8.78 -11.81 -22.63
CA GLY A 139 7.38 -11.57 -22.89
C GLY A 139 6.77 -12.62 -23.82
N PHE A 140 5.48 -12.88 -23.60
CA PHE A 140 4.70 -13.78 -24.43
C PHE A 140 3.38 -13.12 -24.79
N CYS A 141 2.81 -13.54 -25.91
CA CYS A 141 1.57 -12.93 -26.38
C CYS A 141 0.73 -13.95 -27.14
N THR A 142 -0.57 -13.66 -27.24
CA THR A 142 -1.51 -14.50 -27.95
C THR A 142 -2.69 -13.65 -28.39
N VAL A 143 -3.04 -13.73 -29.67
CA VAL A 143 -4.14 -12.94 -30.23
C VAL A 143 -5.26 -13.88 -30.64
N TYR A 144 -6.47 -13.56 -30.21
CA TYR A 144 -7.66 -14.35 -30.49
C TYR A 144 -8.57 -13.60 -31.45
N GLY A 145 -9.26 -14.36 -32.30
CA GLY A 145 -10.28 -13.80 -33.17
C GLY A 145 -11.57 -14.59 -33.07
N LYS A 146 -12.64 -13.96 -32.62
CA LYS A 146 -13.88 -14.66 -32.34
C LYS A 146 -15.04 -13.67 -32.36
N SER A 147 -16.24 -14.18 -32.14
CA SER A 147 -17.47 -13.40 -32.13
C SER A 147 -18.09 -13.44 -30.74
N ILE A 148 -18.43 -12.27 -30.22
CA ILE A 148 -19.06 -12.14 -28.90
C ILE A 148 -20.36 -11.37 -29.09
N ASP A 149 -21.49 -12.03 -28.86
CA ASP A 149 -22.82 -11.43 -29.00
C ASP A 149 -23.03 -10.90 -30.43
N GLY A 150 -22.62 -11.69 -31.41
CA GLY A 150 -22.78 -11.31 -32.80
C GLY A 150 -21.88 -10.20 -33.28
N GLN A 151 -20.82 -9.89 -32.54
CA GLN A 151 -19.89 -8.83 -32.90
C GLN A 151 -18.50 -9.42 -33.09
N GLN A 152 -17.86 -9.06 -34.22
CA GLN A 152 -16.51 -9.51 -34.47
C GLN A 152 -15.55 -8.85 -33.48
N THR A 153 -14.73 -9.67 -32.82
CA THR A 153 -13.86 -9.19 -31.75
C THR A 153 -12.45 -9.72 -31.94
N ILE A 154 -11.47 -8.84 -31.75
CA ILE A 154 -10.06 -9.20 -31.73
C ILE A 154 -9.55 -8.99 -30.31
N ILE A 155 -8.89 -10.01 -29.75
CA ILE A 155 -8.42 -9.98 -28.36
C ILE A 155 -6.92 -10.21 -28.37
N ALA A 156 -6.17 -9.22 -27.90
CA ALA A 156 -4.73 -9.31 -27.77
C ALA A 156 -4.36 -9.43 -26.30
N CYS A 157 -3.50 -10.39 -25.98
CA CYS A 157 -3.08 -10.64 -24.61
C CYS A 157 -1.55 -10.65 -24.53
N ILE A 158 -1.02 -10.02 -23.48
CA ILE A 158 0.42 -9.93 -23.25
C ILE A 158 0.71 -10.37 -21.82
N GLU A 159 1.79 -11.12 -21.65
CA GLU A 159 2.22 -11.58 -20.34
C GLU A 159 3.72 -11.46 -20.21
N SER A 160 4.18 -11.05 -19.03
CA SER A 160 5.61 -10.93 -18.74
C SER A 160 5.81 -11.06 -17.25
N HIS A 161 6.66 -11.99 -16.83
CA HIS A 161 6.86 -12.25 -15.41
C HIS A 161 8.34 -12.44 -15.12
N GLN A 162 8.70 -12.23 -13.86
CA GLN A 162 10.03 -12.50 -13.34
C GLN A 162 9.87 -13.21 -12.00
N PHE A 163 10.26 -14.47 -11.93
CA PHE A 163 10.14 -15.28 -10.72
C PHE A 163 11.54 -15.48 -10.16
N GLN A 164 11.84 -14.84 -9.04
CA GLN A 164 13.15 -14.93 -8.39
C GLN A 164 12.97 -15.18 -6.89
N PRO A 165 12.49 -16.37 -6.51
CA PRO A 165 12.37 -16.67 -5.07
C PRO A 165 13.71 -16.73 -4.36
N LYS A 166 14.80 -17.00 -5.08
CA LYS A 166 16.12 -16.94 -4.46
C LYS A 166 16.45 -15.52 -4.00
N ASN A 167 15.94 -14.52 -4.71
CA ASN A 167 16.08 -13.12 -4.31
C ASN A 167 14.84 -12.59 -3.61
N PHE A 168 13.89 -13.47 -3.32
CA PHE A 168 12.72 -13.16 -2.47
C PHE A 168 11.81 -12.11 -3.10
N TRP A 169 11.57 -12.21 -4.41
CA TRP A 169 10.59 -11.33 -5.03
C TRP A 169 10.09 -11.94 -6.33
N ASN A 170 8.86 -11.59 -6.69
CA ASN A 170 8.24 -12.04 -7.92
C ASN A 170 7.35 -10.93 -8.48
N GLY A 171 7.21 -10.89 -9.80
CA GLY A 171 6.38 -9.91 -10.46
C GLY A 171 5.81 -10.45 -11.75
N ARG A 172 4.74 -9.80 -12.21
CA ARG A 172 4.06 -10.23 -13.43
C ARG A 172 3.28 -9.06 -14.03
N TRP A 173 3.38 -8.92 -15.35
CA TRP A 173 2.64 -7.93 -16.13
C TRP A 173 1.62 -8.64 -17.00
N ARG A 174 0.40 -8.10 -17.07
CA ARG A 174 -0.66 -8.64 -17.90
C ARG A 174 -1.32 -7.53 -18.69
N SER A 175 -1.71 -7.83 -19.93
CA SER A 175 -2.38 -6.89 -20.80
C SER A 175 -3.45 -7.62 -21.59
N GLU A 176 -4.65 -7.04 -21.66
CA GLU A 176 -5.76 -7.63 -22.41
C GLU A 176 -6.42 -6.51 -23.21
N TRP A 177 -6.36 -6.62 -24.54
CA TRP A 177 -6.89 -5.60 -25.44
C TRP A 177 -8.01 -6.21 -26.27
N LYS A 178 -9.20 -5.64 -26.16
CA LYS A 178 -10.38 -6.11 -26.86
C LYS A 178 -10.82 -5.07 -27.88
N PHE A 179 -10.77 -5.44 -29.15
CA PHE A 179 -11.15 -4.56 -30.25
C PHE A 179 -12.44 -5.09 -30.89
N THR A 180 -13.55 -4.40 -30.63
CA THR A 180 -14.86 -4.80 -31.16
C THR A 180 -15.08 -4.10 -32.50
N ILE A 181 -15.05 -4.88 -33.58
CA ILE A 181 -15.11 -4.34 -34.93
C ILE A 181 -16.56 -4.01 -35.27
N THR A 182 -16.87 -2.72 -35.43
CA THR A 182 -18.14 -2.24 -35.95
C THR A 182 -17.82 -1.24 -37.05
N PRO A 183 -17.71 -1.70 -38.29
CA PRO A 183 -17.21 -0.82 -39.38
C PRO A 183 -18.02 0.46 -39.48
N PRO A 184 -17.36 1.60 -39.70
CA PRO A 184 -15.93 1.69 -39.94
C PRO A 184 -15.08 1.89 -38.69
N THR A 185 -15.66 1.65 -37.52
CA THR A 185 -14.99 1.90 -36.25
C THR A 185 -14.65 0.60 -35.54
N ALA A 186 -13.93 0.73 -34.43
CA ALA A 186 -13.61 -0.40 -33.57
C ALA A 186 -13.48 0.11 -32.14
N GLN A 187 -14.37 -0.36 -31.27
CA GLN A 187 -14.36 0.08 -29.88
C GLN A 187 -13.30 -0.69 -29.11
N VAL A 188 -12.40 0.05 -28.45
CA VAL A 188 -11.28 -0.54 -27.72
C VAL A 188 -11.60 -0.51 -26.23
N ALA A 189 -11.41 -1.66 -25.58
CA ALA A 189 -11.54 -1.78 -24.14
C ALA A 189 -10.39 -2.64 -23.64
N ALA A 190 -9.55 -2.08 -22.78
CA ALA A 190 -8.34 -2.75 -22.34
C ALA A 190 -8.21 -2.69 -20.82
N VAL A 191 -7.44 -3.63 -20.30
CA VAL A 191 -7.07 -3.64 -18.89
C VAL A 191 -5.60 -4.02 -18.78
N LEU A 192 -4.85 -3.29 -17.97
CA LEU A 192 -3.44 -3.58 -17.71
C LEU A 192 -3.30 -3.89 -16.23
N LYS A 193 -2.51 -4.91 -15.91
CA LYS A 193 -2.40 -5.39 -14.53
C LYS A 193 -0.94 -5.65 -14.18
N ILE A 194 -0.55 -5.24 -12.98
CA ILE A 194 0.78 -5.51 -12.44
C ILE A 194 0.63 -6.01 -11.02
N GLN A 195 1.39 -7.06 -10.67
CA GLN A 195 1.40 -7.59 -9.32
C GLN A 195 2.84 -7.92 -8.96
N VAL A 196 3.32 -7.36 -7.85
CA VAL A 196 4.69 -7.53 -7.40
C VAL A 196 4.66 -7.90 -5.92
N HIS A 197 5.45 -8.91 -5.55
CA HIS A 197 5.61 -9.31 -4.15
C HIS A 197 7.08 -9.30 -3.81
N TYR A 198 7.44 -8.57 -2.76
CA TYR A 198 8.83 -8.43 -2.31
C TYR A 198 8.91 -8.81 -0.85
N TYR A 199 9.73 -9.81 -0.53
CA TYR A 199 9.85 -10.27 0.85
C TYR A 199 11.30 -10.57 1.23
N GLU A 200 12.26 -9.85 0.65
CA GLU A 200 13.64 -9.97 1.09
C GLU A 200 13.78 -9.49 2.53
N ASP A 201 13.53 -8.21 2.75
CA ASP A 201 13.39 -7.64 4.08
C ASP A 201 11.99 -7.05 4.21
N GLY A 202 11.30 -7.41 5.29
CA GLY A 202 9.92 -7.00 5.38
C GLY A 202 9.05 -7.80 4.41
N ASN A 203 7.91 -7.22 4.07
CA ASN A 203 6.95 -7.86 3.17
C ASN A 203 6.05 -6.79 2.59
N VAL A 204 5.99 -6.70 1.26
CA VAL A 204 5.17 -5.70 0.60
C VAL A 204 4.69 -6.26 -0.74
N GLN A 205 3.45 -5.93 -1.10
CA GLN A 205 2.86 -6.38 -2.35
C GLN A 205 2.26 -5.19 -3.09
N LEU A 206 2.53 -5.11 -4.39
CA LEU A 206 1.94 -4.10 -5.26
C LEU A 206 0.83 -4.74 -6.08
N VAL A 207 -0.33 -4.07 -6.13
CA VAL A 207 -1.43 -4.45 -6.99
C VAL A 207 -1.87 -3.22 -7.75
N SER A 208 -1.75 -3.24 -9.07
CA SER A 208 -2.07 -2.08 -9.89
C SER A 208 -2.85 -2.51 -11.13
N HIS A 209 -3.81 -1.67 -11.52
CA HIS A 209 -4.59 -1.94 -12.72
C HIS A 209 -5.00 -0.62 -13.34
N LYS A 210 -5.30 -0.66 -14.64
CA LYS A 210 -5.78 0.51 -15.36
C LYS A 210 -6.75 0.08 -16.45
N ASP A 211 -7.90 0.74 -16.51
CA ASP A 211 -8.90 0.51 -17.55
C ASP A 211 -8.76 1.56 -18.64
N ILE A 212 -8.90 1.11 -19.90
CA ILE A 212 -8.71 1.97 -21.05
C ILE A 212 -9.89 1.77 -22.01
N GLN A 213 -10.48 2.87 -22.46
CA GLN A 213 -11.52 2.85 -23.48
C GLN A 213 -11.15 3.84 -24.57
N ASP A 214 -11.06 3.37 -25.80
CA ASP A 214 -10.64 4.20 -26.93
C ASP A 214 -11.43 3.81 -28.17
N SER A 215 -11.19 4.53 -29.26
CA SER A 215 -11.86 4.30 -30.54
C SER A 215 -10.84 4.38 -31.66
N VAL A 216 -11.07 3.58 -32.70
CA VAL A 216 -10.15 3.51 -33.83
C VAL A 216 -10.94 3.16 -35.08
N GLN A 217 -10.63 3.85 -36.18
CA GLN A 217 -11.26 3.61 -37.47
C GLN A 217 -10.54 2.48 -38.19
N VAL A 218 -11.29 1.48 -38.63
CA VAL A 218 -10.69 0.31 -39.27
C VAL A 218 -10.55 0.57 -40.77
N SER A 219 -9.61 -0.16 -41.38
CA SER A 219 -9.39 -0.09 -42.82
C SER A 219 -9.15 -1.48 -43.38
N SER A 220 -7.90 -1.78 -43.75
CA SER A 220 -7.53 -3.11 -44.21
C SER A 220 -7.03 -3.96 -43.04
N ASP A 221 -6.83 -5.25 -43.30
CA ASP A 221 -6.35 -6.15 -42.26
C ASP A 221 -4.96 -5.78 -41.76
N VAL A 222 -4.17 -5.09 -42.58
CA VAL A 222 -2.81 -4.71 -42.22
C VAL A 222 -2.76 -3.30 -41.63
N GLN A 223 -3.49 -2.36 -42.22
CA GLN A 223 -3.47 -0.99 -41.70
C GLN A 223 -4.14 -0.92 -40.34
N THR A 224 -5.22 -1.67 -40.14
CA THR A 224 -5.88 -1.70 -38.84
C THR A 224 -5.01 -2.42 -37.80
N ALA A 225 -4.23 -3.41 -38.22
CA ALA A 225 -3.39 -4.16 -37.28
C ALA A 225 -2.30 -3.27 -36.70
N LYS A 226 -1.57 -2.54 -37.56
CA LYS A 226 -0.55 -1.64 -37.06
C LYS A 226 -1.14 -0.46 -36.31
N GLU A 227 -2.40 -0.09 -36.59
CA GLU A 227 -3.06 0.95 -35.83
C GLU A 227 -3.50 0.45 -34.46
N PHE A 228 -3.82 -0.84 -34.36
CA PHE A 228 -4.12 -1.43 -33.06
C PHE A 228 -2.89 -1.44 -32.17
N ILE A 229 -1.76 -1.92 -32.70
CA ILE A 229 -0.53 -1.99 -31.92
C ILE A 229 -0.07 -0.60 -31.51
N LYS A 230 -0.31 0.40 -32.36
CA LYS A 230 0.05 1.77 -32.01
C LYS A 230 -0.68 2.23 -30.75
N ILE A 231 -1.97 1.90 -30.64
CA ILE A 231 -2.73 2.27 -29.45
C ILE A 231 -2.21 1.51 -28.23
N ILE A 232 -1.85 0.23 -28.41
CA ILE A 232 -1.29 -0.55 -27.32
C ILE A 232 0.05 0.02 -26.88
N GLU A 233 0.88 0.46 -27.83
CA GLU A 233 2.21 0.96 -27.49
C GLU A 233 2.13 2.27 -26.74
N ASN A 234 1.30 3.21 -27.22
CA ASN A 234 1.21 4.52 -26.58
C ASN A 234 0.60 4.44 -25.20
N ALA A 235 -0.36 3.53 -24.99
CA ALA A 235 -1.02 3.44 -23.70
C ALA A 235 -0.15 2.74 -22.67
N GLU A 236 0.50 1.64 -23.06
CA GLU A 236 1.37 0.92 -22.14
C GLU A 236 2.67 1.67 -21.87
N ASN A 237 3.05 2.61 -22.74
CA ASN A 237 4.18 3.49 -22.41
C ASN A 237 3.80 4.51 -21.36
N GLU A 238 2.61 5.11 -21.50
CA GLU A 238 2.18 6.09 -20.51
C GLU A 238 1.93 5.44 -19.16
N TYR A 239 1.38 4.22 -19.17
CA TYR A 239 1.10 3.51 -17.92
C TYR A 239 2.39 3.30 -17.11
N GLN A 240 3.44 2.79 -17.77
CA GLN A 240 4.69 2.54 -17.06
C GLN A 240 5.34 3.85 -16.61
N THR A 241 5.33 4.86 -17.47
CA THR A 241 5.95 6.13 -17.12
C THR A 241 5.19 6.83 -15.99
N ALA A 242 3.86 6.79 -16.03
CA ALA A 242 3.08 7.42 -14.97
C ALA A 242 3.23 6.67 -13.65
N ILE A 243 3.50 5.37 -13.69
CA ILE A 243 3.69 4.61 -12.46
C ILE A 243 4.98 5.05 -11.77
N SER A 244 6.06 5.22 -12.53
CA SER A 244 7.30 5.70 -11.94
C SER A 244 7.17 7.12 -11.41
N GLU A 245 6.44 7.97 -12.13
CA GLU A 245 6.19 9.33 -11.62
C GLU A 245 5.32 9.31 -10.38
N ASN A 246 4.39 8.35 -10.28
CA ASN A 246 3.56 8.23 -9.09
C ASN A 246 4.34 7.65 -7.93
N TYR A 247 5.27 6.73 -8.19
CA TYR A 247 6.15 6.23 -7.14
C TYR A 247 6.89 7.36 -6.45
N GLN A 248 7.38 8.32 -7.25
CA GLN A 248 8.06 9.47 -6.67
C GLN A 248 7.11 10.33 -5.86
N THR A 249 5.89 10.56 -6.36
CA THR A 249 4.92 11.34 -5.61
C THR A 249 4.58 10.68 -4.27
N MET A 250 4.38 9.36 -4.27
CA MET A 250 4.13 8.66 -3.02
C MET A 250 5.32 8.71 -2.07
N SER A 251 6.52 8.99 -2.57
CA SER A 251 7.69 9.01 -1.71
C SER A 251 7.84 10.34 -0.98
N ASP A 252 7.64 11.47 -1.66
CA ASP A 252 7.81 12.78 -1.03
C ASP A 252 6.51 13.40 -0.55
N THR A 253 5.36 12.75 -0.77
CA THR A 253 4.10 13.39 -0.42
C THR A 253 3.16 12.45 0.34
N THR A 254 2.72 11.37 -0.32
CA THR A 254 1.69 10.51 0.27
C THR A 254 2.22 9.83 1.52
N PHE A 255 3.48 9.40 1.52
CA PHE A 255 4.06 8.80 2.72
C PHE A 255 4.20 9.83 3.83
N LYS A 256 4.64 11.04 3.48
CA LYS A 256 4.77 12.11 4.47
C LYS A 256 3.44 12.45 5.11
N ALA A 257 2.35 12.38 4.33
CA ALA A 257 1.03 12.68 4.87
C ALA A 257 0.61 11.68 5.93
N LEU A 258 1.23 10.49 5.96
CA LEU A 258 1.01 9.54 7.03
C LEU A 258 1.95 9.80 8.21
N ARG A 259 3.26 9.67 7.97
CA ARG A 259 4.26 9.98 8.98
C ARG A 259 5.42 10.73 8.33
N ARG A 260 5.87 11.78 8.99
CA ARG A 260 6.95 12.61 8.46
C ARG A 260 8.31 11.99 8.77
N GLN A 261 9.34 12.49 8.08
CA GLN A 261 10.71 12.16 8.45
C GLN A 261 11.10 12.87 9.74
N LEU A 262 10.81 14.16 9.81
CA LEU A 262 11.10 15.00 10.97
C LEU A 262 9.86 15.83 11.30
N PRO A 263 9.75 16.31 12.54
CA PRO A 263 8.66 17.23 12.87
C PRO A 263 8.75 18.51 12.06
N VAL A 264 7.68 19.31 12.14
CA VAL A 264 7.62 20.57 11.42
C VAL A 264 8.80 21.47 11.80
N THR A 265 9.21 21.42 13.06
CA THR A 265 10.36 22.18 13.53
C THR A 265 11.68 21.69 12.94
N ARG A 266 11.68 20.55 12.25
CA ARG A 266 12.85 19.94 11.63
C ARG A 266 13.95 19.59 12.63
N THR A 267 13.60 19.36 13.90
CA THR A 267 14.55 18.91 14.90
C THR A 267 13.94 17.73 15.66
N LYS A 268 14.81 16.80 16.07
CA LYS A 268 14.32 15.64 16.81
C LYS A 268 13.76 16.08 18.17
N ILE A 269 13.04 15.16 18.81
CA ILE A 269 12.26 15.47 20.00
C ILE A 269 13.19 15.58 21.21
N ASP A 270 13.06 16.68 21.94
CA ASP A 270 13.68 16.81 23.26
C ASP A 270 12.75 16.13 24.27
N TRP A 271 13.16 14.95 24.74
CA TRP A 271 12.23 14.08 25.46
C TRP A 271 12.08 14.44 26.93
N ASN A 272 13.06 15.10 27.54
CA ASN A 272 12.87 15.60 28.90
C ASN A 272 12.22 16.98 28.94
N LYS A 273 12.03 17.61 27.78
CA LYS A 273 11.24 18.83 27.67
C LYS A 273 9.76 18.54 27.48
N ILE A 274 9.36 17.28 27.51
CA ILE A 274 7.96 16.88 27.36
C ILE A 274 7.44 16.47 28.74
N LEU A 275 8.31 15.85 29.52
CA LEU A 275 7.97 15.38 30.84
C LEU A 275 8.31 16.44 31.89
N SER B 2 -1.04 -30.48 15.53
CA SER B 2 -1.26 -29.53 14.44
C SER B 2 -0.17 -28.46 14.42
N ASP B 3 1.05 -28.85 14.81
CA ASP B 3 2.17 -27.92 14.80
C ASP B 3 2.56 -27.54 13.37
N GLN B 4 2.47 -28.49 12.44
CA GLN B 4 2.69 -28.20 11.03
C GLN B 4 1.47 -27.57 10.35
N GLN B 5 0.31 -27.61 10.99
CA GLN B 5 -0.87 -26.94 10.44
C GLN B 5 -0.76 -25.44 10.63
N LEU B 6 -0.39 -25.01 11.83
CA LEU B 6 -0.21 -23.58 12.10
C LEU B 6 0.91 -22.99 11.25
N ASP B 7 1.92 -23.80 10.92
CA ASP B 7 3.00 -23.33 10.07
C ASP B 7 2.48 -22.94 8.69
N CYS B 8 1.64 -23.80 8.09
CA CYS B 8 1.08 -23.48 6.78
C CYS B 8 0.05 -22.35 6.88
N ALA B 9 -0.60 -22.21 8.04
CA ALA B 9 -1.54 -21.10 8.21
C ALA B 9 -0.82 -19.77 8.23
N LEU B 10 0.34 -19.70 8.90
CA LEU B 10 1.12 -18.47 8.92
C LEU B 10 1.78 -18.22 7.57
N ASP B 11 2.27 -19.29 6.93
CA ASP B 11 2.85 -19.15 5.59
C ASP B 11 1.82 -18.69 4.57
N LEU B 12 0.54 -18.90 4.85
CA LEU B 12 -0.51 -18.46 3.94
C LEU B 12 -0.80 -16.98 4.12
N MET B 13 -0.75 -16.48 5.36
CA MET B 13 -1.04 -15.07 5.61
C MET B 13 0.08 -14.16 5.11
N ARG B 14 1.32 -14.66 5.07
CA ARG B 14 2.42 -13.87 4.53
C ARG B 14 2.37 -13.75 3.01
N ARG B 15 1.58 -14.61 2.35
CA ARG B 15 1.49 -14.61 0.90
C ARG B 15 0.19 -14.04 0.36
N LEU B 16 -0.79 -13.79 1.21
CA LEU B 16 -2.05 -13.29 0.70
C LEU B 16 -2.04 -11.77 0.63
N PRO B 17 -2.94 -11.18 -0.16
CA PRO B 17 -3.02 -9.71 -0.26
C PRO B 17 -3.15 -9.08 1.12
N PRO B 18 -2.19 -8.22 1.50
CA PRO B 18 -2.16 -7.70 2.87
C PRO B 18 -3.30 -6.74 3.21
N GLN B 19 -4.20 -6.44 2.26
CA GLN B 19 -5.35 -5.60 2.54
C GLN B 19 -6.63 -6.40 2.73
N GLN B 20 -6.51 -7.72 2.93
CA GLN B 20 -7.65 -8.58 3.19
C GLN B 20 -7.38 -9.52 4.36
N ILE B 21 -6.51 -9.10 5.29
CA ILE B 21 -6.12 -9.95 6.40
C ILE B 21 -7.33 -10.28 7.28
N GLU B 22 -8.22 -9.30 7.46
CA GLU B 22 -9.35 -9.50 8.37
C GLU B 22 -10.26 -10.62 7.88
N LYS B 23 -10.63 -10.60 6.60
CA LYS B 23 -11.49 -11.66 6.07
C LYS B 23 -10.74 -12.95 5.81
N ASN B 24 -9.47 -12.87 5.38
CA ASN B 24 -8.68 -14.07 5.18
C ASN B 24 -8.48 -14.81 6.50
N LEU B 25 -8.12 -14.09 7.57
CA LEU B 25 -7.92 -14.72 8.86
C LEU B 25 -9.24 -15.27 9.40
N SER B 26 -10.36 -14.61 9.10
CA SER B 26 -11.66 -15.14 9.50
C SER B 26 -12.01 -16.38 8.67
N ASP B 27 -11.77 -16.32 7.36
CA ASP B 27 -11.92 -17.52 6.54
C ASP B 27 -10.93 -18.61 6.96
N LEU B 28 -9.72 -18.21 7.35
CA LEU B 28 -8.70 -19.17 7.78
C LEU B 28 -9.06 -19.83 9.11
N ILE B 29 -9.80 -19.15 9.96
CA ILE B 29 -10.23 -19.73 11.23
C ILE B 29 -11.47 -20.59 11.02
N ASP B 30 -12.37 -20.18 10.12
CA ASP B 30 -13.50 -21.04 9.79
C ASP B 30 -13.02 -22.33 9.11
N LEU B 31 -11.92 -22.27 8.37
CA LEU B 31 -11.37 -23.46 7.72
C LEU B 31 -10.79 -24.42 8.75
N VAL B 32 -9.94 -23.91 9.64
CA VAL B 32 -9.37 -24.73 10.71
C VAL B 32 -9.59 -24.01 12.04
N PRO B 33 -10.68 -24.31 12.75
CA PRO B 33 -10.91 -23.67 14.06
C PRO B 33 -9.98 -24.15 15.15
N SER B 34 -9.16 -25.17 14.90
CA SER B 34 -8.25 -25.67 15.92
C SER B 34 -7.26 -24.60 16.36
N LEU B 35 -6.69 -23.87 15.40
CA LEU B 35 -5.67 -22.87 15.66
C LEU B 35 -6.26 -21.46 15.77
N CYS B 36 -7.52 -21.35 16.20
CA CYS B 36 -8.18 -20.05 16.27
C CYS B 36 -7.43 -19.11 17.21
N GLU B 37 -7.08 -19.59 18.40
CA GLU B 37 -6.36 -18.75 19.35
C GLU B 37 -4.90 -18.57 19.00
N ASP B 38 -4.26 -19.60 18.43
CA ASP B 38 -2.85 -19.50 18.10
C ASP B 38 -2.60 -18.52 16.94
N LEU B 39 -3.53 -18.44 15.98
CA LEU B 39 -3.31 -17.57 14.83
C LEU B 39 -3.48 -16.10 15.21
N LEU B 40 -4.52 -15.78 15.98
CA LEU B 40 -4.79 -14.39 16.32
C LEU B 40 -3.65 -13.77 17.11
N SER B 41 -2.94 -14.56 17.91
CA SER B 41 -1.81 -14.07 18.67
C SER B 41 -0.51 -14.04 17.87
N SER B 42 -0.55 -14.43 16.59
CA SER B 42 0.65 -14.45 15.76
C SER B 42 0.52 -13.67 14.47
N VAL B 43 -0.69 -13.41 13.98
CA VAL B 43 -0.91 -12.73 12.71
C VAL B 43 -1.03 -11.24 12.95
N ASP B 44 -0.23 -10.46 12.24
CA ASP B 44 -0.30 -9.00 12.33
C ASP B 44 -1.62 -8.51 11.73
N GLN B 45 -2.43 -7.84 12.54
CA GLN B 45 -3.73 -7.35 12.12
C GLN B 45 -3.77 -5.82 12.23
N PRO B 46 -4.57 -5.16 11.39
CA PRO B 46 -4.71 -3.71 11.51
C PRO B 46 -5.38 -3.32 12.83
N LEU B 47 -4.93 -2.20 13.39
CA LEU B 47 -5.44 -1.76 14.69
C LEU B 47 -6.88 -1.29 14.56
N LYS B 48 -7.72 -1.72 15.49
CA LYS B 48 -9.12 -1.31 15.55
C LYS B 48 -9.28 -0.16 16.54
N ILE B 49 -10.24 0.71 16.25
CA ILE B 49 -10.49 1.91 17.02
C ILE B 49 -11.79 1.76 17.79
N ALA B 50 -11.78 2.18 19.05
CA ALA B 50 -12.98 2.26 19.88
C ALA B 50 -13.04 3.63 20.52
N ARG B 51 -14.24 3.99 21.00
CA ARG B 51 -14.49 5.29 21.61
C ARG B 51 -14.57 5.16 23.13
N ASP B 52 -13.94 6.10 23.83
CA ASP B 52 -14.04 6.11 25.28
C ASP B 52 -15.47 6.39 25.75
N LYS B 53 -16.20 7.21 24.99
CA LYS B 53 -17.59 7.55 25.30
C LYS B 53 -17.75 8.18 26.68
N GLY B 56 -13.63 11.80 26.05
CA GLY B 56 -14.32 11.26 24.90
C GLY B 56 -13.45 11.10 23.67
N LYS B 57 -12.22 10.65 23.88
CA LYS B 57 -11.28 10.44 22.79
C LYS B 57 -11.40 9.03 22.23
N ASP B 58 -10.71 8.80 21.11
CA ASP B 58 -10.59 7.45 20.57
C ASP B 58 -9.45 6.71 21.26
N TYR B 59 -9.53 5.39 21.24
CA TYR B 59 -8.46 4.57 21.79
C TYR B 59 -8.38 3.26 21.01
N LEU B 60 -7.19 2.70 20.94
CA LEU B 60 -6.90 1.53 20.12
C LEU B 60 -7.00 0.25 20.93
N LEU B 61 -7.47 -0.81 20.27
CA LEU B 61 -7.70 -2.10 20.89
C LEU B 61 -6.57 -3.07 20.55
N CYS B 62 -6.16 -3.85 21.54
CA CYS B 62 -5.17 -4.90 21.36
C CYS B 62 -5.42 -5.98 22.40
N ASP B 63 -4.51 -6.94 22.49
CA ASP B 63 -4.66 -8.05 23.42
C ASP B 63 -4.08 -7.75 24.79
N TYR B 64 -3.10 -6.83 24.86
CA TYR B 64 -2.45 -6.52 26.12
C TYR B 64 -3.29 -5.65 27.03
N ASN B 65 -4.33 -5.00 26.49
CA ASN B 65 -5.26 -4.22 27.29
C ASN B 65 -6.64 -4.88 27.38
N ARG B 66 -6.72 -6.18 27.09
CA ARG B 66 -7.97 -6.90 27.05
C ARG B 66 -8.03 -7.92 28.18
N ASP B 67 -9.24 -8.07 28.75
CA ASP B 67 -9.52 -9.07 29.76
C ASP B 67 -10.95 -9.54 29.53
N GLY B 68 -11.10 -10.76 29.03
CA GLY B 68 -12.42 -11.24 28.63
C GLY B 68 -12.80 -10.72 27.25
N ASP B 69 -14.04 -10.26 27.10
CA ASP B 69 -14.49 -9.61 25.88
C ASP B 69 -14.68 -8.12 26.07
N SER B 70 -13.89 -7.52 26.95
CA SER B 70 -13.96 -6.10 27.26
C SER B 70 -12.61 -5.45 27.01
N TYR B 71 -12.65 -4.15 26.71
CA TYR B 71 -11.44 -3.39 26.39
C TYR B 71 -11.34 -2.18 27.31
N ARG B 72 -10.19 -2.05 27.97
CA ARG B 72 -9.96 -0.99 28.93
C ARG B 72 -9.38 0.24 28.24
N SER B 73 -9.98 1.40 28.49
CA SER B 73 -9.53 2.65 27.91
C SER B 73 -8.29 3.15 28.65
N PRO B 74 -7.30 3.70 27.94
CA PRO B 74 -6.13 4.28 28.60
C PRO B 74 -6.39 5.65 29.20
N TRP B 75 -7.52 6.28 28.90
CA TRP B 75 -7.87 7.58 29.46
C TRP B 75 -8.76 7.44 30.70
N SER B 76 -9.88 6.73 30.58
CA SER B 76 -10.80 6.57 31.69
C SER B 76 -10.41 5.43 32.63
N ASN B 77 -9.49 4.56 32.21
CA ASN B 77 -9.02 3.43 33.02
C ASN B 77 -10.17 2.47 33.38
N LYS B 78 -11.19 2.41 32.53
CA LYS B 78 -12.34 1.55 32.76
C LYS B 78 -12.72 0.84 31.47
N TYR B 79 -13.11 -0.42 31.59
CA TYR B 79 -13.47 -1.22 30.42
C TYR B 79 -14.80 -0.75 29.85
N ASP B 80 -14.86 -0.57 28.53
CA ASP B 80 -16.09 -0.12 27.91
C ASP B 80 -17.21 -1.15 28.06
N PRO B 81 -17.00 -2.44 27.83
CA PRO B 81 -17.91 -3.44 28.41
C PRO B 81 -17.63 -3.60 29.89
N PRO B 82 -18.53 -3.15 30.76
CA PRO B 82 -18.19 -3.00 32.18
C PRO B 82 -17.83 -4.32 32.85
N LEU B 83 -16.80 -4.29 33.68
CA LEU B 83 -16.41 -5.44 34.50
C LEU B 83 -16.39 -5.05 35.97
N GLY B 86 -12.23 -6.44 36.39
CA GLY B 86 -11.29 -6.48 35.29
C GLY B 86 -9.84 -6.29 35.72
N ALA B 87 -8.92 -6.74 34.87
CA ALA B 87 -7.49 -6.61 35.16
C ALA B 87 -7.09 -5.14 35.08
N MET B 88 -6.72 -4.56 36.22
CA MET B 88 -6.33 -3.16 36.32
C MET B 88 -4.84 -3.02 36.60
N PRO B 89 -4.23 -1.91 36.19
CA PRO B 89 -2.82 -1.69 36.56
C PRO B 89 -2.70 -1.30 38.02
N SER B 90 -1.52 -1.53 38.58
CA SER B 90 -1.24 -1.08 39.93
C SER B 90 -1.24 0.45 39.97
N ALA B 91 -1.54 1.00 41.14
CA ALA B 91 -1.65 2.44 41.29
C ALA B 91 -0.34 3.13 40.89
N ARG B 92 0.79 2.51 41.18
CA ARG B 92 2.07 3.09 40.80
C ARG B 92 2.32 2.96 39.31
N LEU B 93 1.91 1.84 38.71
CA LEU B 93 2.07 1.65 37.27
C LEU B 93 1.06 2.45 36.48
N ARG B 94 -0.19 2.52 36.95
CA ARG B 94 -1.21 3.30 36.25
C ARG B 94 -0.81 4.77 36.18
N LYS B 95 -0.17 5.27 37.24
CA LYS B 95 0.32 6.65 37.21
C LYS B 95 1.40 6.83 36.14
N LEU B 96 2.33 5.87 36.05
CA LEU B 96 3.35 5.94 35.01
C LEU B 96 2.76 5.73 33.62
N GLU B 97 1.64 5.02 33.54
CA GLU B 97 0.99 4.80 32.25
C GLU B 97 0.37 6.08 31.72
N VAL B 98 -0.22 6.90 32.60
CA VAL B 98 -0.81 8.16 32.16
C VAL B 98 0.27 9.09 31.62
N GLU B 99 1.42 9.14 32.29
CA GLU B 99 2.54 9.93 31.78
C GLU B 99 3.01 9.39 30.42
N ALA B 100 2.91 8.08 30.21
CA ALA B 100 3.32 7.50 28.94
C ALA B 100 2.34 7.87 27.83
N ASN B 101 1.04 7.84 28.12
CA ASN B 101 0.06 8.24 27.13
C ASN B 101 0.19 9.72 26.78
N ASN B 102 0.46 10.56 27.78
CA ASN B 102 0.59 11.99 27.53
C ASN B 102 1.90 12.30 26.80
N ALA B 103 2.93 11.49 27.01
CA ALA B 103 4.19 11.70 26.30
C ALA B 103 4.09 11.26 24.84
N PHE B 104 3.49 10.09 24.59
CA PHE B 104 3.34 9.60 23.23
C PHE B 104 2.17 10.23 22.50
N ASP B 105 1.31 10.99 23.19
CA ASP B 105 0.31 11.78 22.49
C ASP B 105 0.95 12.99 21.81
N GLN B 106 1.99 13.55 22.41
CA GLN B 106 2.77 14.58 21.73
C GLN B 106 3.60 14.00 20.61
N TYR B 107 4.24 12.84 20.85
CA TYR B 107 4.98 12.16 19.80
C TYR B 107 4.10 11.86 18.60
N ARG B 108 2.85 11.49 18.85
CA ARG B 108 1.92 11.26 17.75
C ARG B 108 1.66 12.54 16.97
N ASP B 109 1.50 13.66 17.67
CA ASP B 109 1.20 14.93 17.00
C ASP B 109 2.42 15.50 16.28
N LEU B 110 3.62 15.28 16.82
CA LEU B 110 4.81 15.88 16.20
C LEU B 110 5.23 15.13 14.94
N TYR B 111 4.99 13.82 14.88
CA TYR B 111 5.43 13.01 13.74
C TYR B 111 4.31 12.62 12.80
N PHE B 112 3.06 12.57 13.28
CA PHE B 112 1.93 12.17 12.44
C PHE B 112 0.92 13.28 12.20
N GLU B 113 0.92 14.34 13.02
CA GLU B 113 0.00 15.47 12.87
C GLU B 113 -1.46 15.02 12.92
N GLY B 114 -1.73 13.90 13.56
CA GLY B 114 -3.09 13.39 13.63
C GLY B 114 -3.09 11.94 14.07
N GLY B 115 -4.22 11.28 13.84
CA GLY B 115 -4.36 9.88 14.20
C GLY B 115 -4.68 9.69 15.68
N VAL B 116 -4.55 8.44 16.11
CA VAL B 116 -4.85 8.04 17.48
C VAL B 116 -3.65 7.31 18.05
N SER B 117 -3.43 7.48 19.36
CA SER B 117 -2.38 6.79 20.08
C SER B 117 -2.93 6.20 21.37
N SER B 118 -2.32 5.11 21.82
CA SER B 118 -2.74 4.44 23.04
C SER B 118 -1.55 3.69 23.63
N VAL B 119 -1.38 3.82 24.95
CA VAL B 119 -0.28 3.15 25.66
C VAL B 119 -0.88 2.37 26.83
N TYR B 120 -0.46 1.11 26.96
CA TYR B 120 -0.90 0.24 28.04
C TYR B 120 0.31 -0.42 28.67
N LEU B 121 0.33 -0.44 30.01
CA LEU B 121 1.42 -1.05 30.76
C LEU B 121 0.89 -2.22 31.57
N TRP B 122 1.81 -3.13 31.93
CA TRP B 122 1.47 -4.24 32.80
C TRP B 122 2.73 -4.65 33.55
N ASP B 123 2.56 -4.94 34.85
CA ASP B 123 3.68 -5.30 35.70
C ASP B 123 4.04 -6.77 35.49
N LEU B 124 5.34 -7.05 35.37
CA LEU B 124 5.81 -8.42 35.22
C LEU B 124 6.24 -8.98 36.58
N ASP B 125 7.54 -9.03 36.82
CA ASP B 125 8.06 -9.47 38.11
C ASP B 125 9.23 -8.58 38.53
N HIS B 126 10.30 -8.58 37.73
CA HIS B 126 11.44 -7.72 37.95
C HIS B 126 11.40 -6.47 37.07
N GLY B 127 10.20 -6.02 36.72
CA GLY B 127 10.03 -4.86 35.86
C GLY B 127 8.62 -4.82 35.31
N PHE B 128 8.46 -4.04 34.25
CA PHE B 128 7.16 -3.88 33.60
C PHE B 128 7.36 -3.88 32.09
N ALA B 129 6.28 -4.22 31.37
CA ALA B 129 6.27 -4.21 29.92
C ALA B 129 5.08 -3.38 29.44
N GLY B 130 5.26 -2.74 28.28
CA GLY B 130 4.25 -1.86 27.76
C GLY B 130 4.10 -2.01 26.25
N VAL B 131 2.96 -1.52 25.76
CA VAL B 131 2.65 -1.55 24.34
C VAL B 131 2.30 -0.13 23.90
N ILE B 132 2.90 0.33 22.80
CA ILE B 132 2.61 1.62 22.22
C ILE B 132 1.89 1.39 20.90
N LEU B 133 0.69 1.96 20.77
CA LEU B 133 -0.15 1.78 19.60
C LEU B 133 -0.38 3.14 18.94
N ILE B 134 -0.02 3.26 17.67
CA ILE B 134 -0.22 4.48 16.89
C ILE B 134 -0.95 4.09 15.61
N LYS B 135 -2.00 4.83 15.28
CA LYS B 135 -2.85 4.54 14.13
C LYS B 135 -3.11 5.84 13.38
N LYS B 136 -2.68 5.89 12.12
CA LYS B 136 -2.86 7.07 11.28
C LYS B 136 -3.50 6.63 9.98
N ALA B 137 -4.72 7.11 9.73
CA ALA B 137 -5.46 6.77 8.53
C ALA B 137 -5.63 8.00 7.65
N GLY B 138 -5.54 7.80 6.34
CA GLY B 138 -5.74 8.88 5.39
C GLY B 138 -7.08 8.79 4.68
N ASP B 139 -8.15 9.08 5.41
CA ASP B 139 -9.49 9.02 4.88
C ASP B 139 -9.89 10.36 4.27
N GLY B 140 -11.04 10.36 3.58
CA GLY B 140 -11.61 11.57 3.05
C GLY B 140 -11.07 11.99 1.70
N SER B 141 -10.81 11.01 0.84
CA SER B 141 -10.35 11.28 -0.52
C SER B 141 -10.51 10.03 -1.36
N LYS B 142 -11.09 10.18 -2.55
CA LYS B 142 -11.28 9.05 -3.45
C LYS B 142 -10.02 8.74 -4.24
N LYS B 143 -9.19 9.75 -4.50
CA LYS B 143 -8.01 9.58 -5.33
C LYS B 143 -6.79 9.11 -4.54
N ILE B 144 -6.65 9.53 -3.29
CA ILE B 144 -5.47 9.20 -2.48
C ILE B 144 -5.95 8.65 -1.14
N LYS B 145 -5.47 7.45 -0.78
CA LYS B 145 -5.79 6.82 0.48
C LYS B 145 -4.53 6.25 1.10
N GLY B 146 -4.66 5.77 2.33
CA GLY B 146 -3.52 5.18 3.02
C GLY B 146 -3.81 4.99 4.49
N CYS B 147 -2.92 4.24 5.14
CA CYS B 147 -3.02 4.01 6.57
C CYS B 147 -1.68 3.55 7.12
N TRP B 148 -1.43 3.88 8.38
CA TRP B 148 -0.19 3.53 9.07
C TRP B 148 -0.54 2.96 10.43
N ASP B 149 -0.13 1.73 10.69
CA ASP B 149 -0.29 1.08 11.98
C ASP B 149 1.08 0.68 12.50
N SER B 150 1.38 1.06 13.75
CA SER B 150 2.63 0.68 14.39
C SER B 150 2.34 0.09 15.76
N ILE B 151 3.02 -1.02 16.06
CA ILE B 151 2.83 -1.74 17.32
C ILE B 151 4.20 -1.92 17.96
N HIS B 152 4.41 -1.29 19.11
CA HIS B 152 5.67 -1.39 19.85
C HIS B 152 5.42 -2.10 21.17
N VAL B 153 6.27 -3.08 21.49
CA VAL B 153 6.23 -3.79 22.76
C VAL B 153 7.61 -3.66 23.39
N VAL B 154 7.66 -3.04 24.57
CA VAL B 154 8.91 -2.77 25.27
C VAL B 154 8.93 -3.56 26.57
N GLU B 155 10.09 -4.11 26.91
CA GLU B 155 10.31 -4.82 28.16
C GLU B 155 11.42 -4.11 28.93
N VAL B 156 11.09 -3.64 30.13
CA VAL B 156 12.03 -2.87 30.95
C VAL B 156 12.52 -3.76 32.08
N GLN B 157 13.83 -3.80 32.28
CA GLN B 157 14.46 -4.63 33.30
C GLN B 157 15.38 -3.75 34.14
N GLU B 158 15.03 -3.56 35.41
CA GLU B 158 15.82 -2.72 36.31
C GLU B 158 17.10 -3.45 36.73
N LYS B 159 18.14 -2.67 36.99
CA LYS B 159 19.45 -3.20 37.36
C LYS B 159 19.87 -2.61 38.71
N SER B 160 19.63 -3.38 39.77
CA SER B 160 20.12 -3.07 41.12
C SER B 160 19.60 -1.73 41.63
N SER B 161 20.50 -0.73 41.73
CA SER B 161 20.15 0.54 42.34
C SER B 161 19.11 1.32 41.54
N GLY B 162 18.95 1.03 40.26
CA GLY B 162 18.00 1.75 39.43
C GLY B 162 18.59 2.90 38.66
N ARG B 163 19.92 3.02 38.60
CA ARG B 163 20.56 4.06 37.80
C ARG B 163 20.66 3.69 36.33
N THR B 164 20.57 2.40 36.01
CA THR B 164 20.56 1.93 34.63
C THR B 164 19.58 0.77 34.51
N ALA B 165 18.93 0.67 33.35
CA ALA B 165 17.96 -0.38 33.10
C ALA B 165 18.12 -0.90 31.69
N HIS B 166 17.62 -2.13 31.47
CA HIS B 166 17.73 -2.82 30.21
C HIS B 166 16.37 -2.83 29.51
N TYR B 167 16.35 -2.36 28.27
CA TYR B 167 15.13 -2.25 27.48
C TYR B 167 15.17 -3.23 26.31
N LYS B 168 14.02 -3.81 25.99
CA LYS B 168 13.88 -4.78 24.91
C LYS B 168 12.68 -4.39 24.07
N LEU B 169 12.93 -3.91 22.85
CA LEU B 169 11.89 -3.33 22.00
C LEU B 169 11.63 -4.21 20.79
N THR B 170 10.35 -4.40 20.48
CA THR B 170 9.92 -5.15 19.31
C THR B 170 8.78 -4.39 18.64
N SER B 171 9.01 -3.95 17.40
CA SER B 171 8.09 -3.05 16.72
C SER B 171 7.68 -3.62 15.37
N THR B 172 6.41 -3.42 15.02
CA THR B 172 5.86 -3.80 13.72
C THR B 172 5.10 -2.61 13.16
N VAL B 173 5.36 -2.28 11.90
CA VAL B 173 4.72 -1.15 11.23
C VAL B 173 4.02 -1.67 9.98
N MET B 174 2.69 -1.55 9.96
CA MET B 174 1.89 -1.92 8.80
C MET B 174 1.55 -0.67 8.00
N LEU B 175 1.88 -0.70 6.71
CA LEU B 175 1.77 0.47 5.84
C LEU B 175 0.94 0.13 4.61
N TRP B 176 -0.05 0.97 4.32
CA TRP B 176 -0.90 0.81 3.14
C TRP B 176 -1.04 2.15 2.43
N LEU B 177 -1.03 2.11 1.10
CA LEU B 177 -1.25 3.28 0.27
C LEU B 177 -2.03 2.88 -0.97
N GLN B 178 -2.93 3.76 -1.42
CA GLN B 178 -3.66 3.54 -2.66
C GLN B 178 -3.87 4.88 -3.35
N THR B 179 -3.59 4.92 -4.64
CA THR B 179 -3.81 6.11 -5.46
C THR B 179 -4.67 5.75 -6.66
N ASN B 180 -5.54 6.68 -7.06
CA ASN B 180 -6.40 6.52 -8.23
C ASN B 180 -6.20 7.74 -9.11
N LYS B 181 -5.29 7.62 -10.07
CA LYS B 181 -4.95 8.70 -10.97
C LYS B 181 -5.19 8.27 -12.41
N THR B 182 -5.21 9.25 -13.31
CA THR B 182 -5.51 8.97 -14.71
C THR B 182 -4.38 8.19 -15.37
N GLY B 183 -3.13 8.59 -15.12
CA GLY B 183 -2.03 7.97 -15.83
C GLY B 183 -1.69 6.58 -15.32
N SER B 184 -1.60 6.44 -13.99
CA SER B 184 -1.18 5.19 -13.38
C SER B 184 -2.35 4.32 -12.93
N GLY B 185 -3.59 4.77 -13.14
CA GLY B 185 -4.74 3.98 -12.75
C GLY B 185 -4.80 3.82 -11.25
N THR B 186 -5.11 2.60 -10.82
CA THR B 186 -5.11 2.27 -9.39
C THR B 186 -3.77 1.63 -9.04
N MET B 187 -3.09 2.19 -8.05
CA MET B 187 -1.87 1.63 -7.50
C MET B 187 -2.09 1.36 -6.02
N ASN B 188 -1.86 0.12 -5.60
CA ASN B 188 -2.11 -0.30 -4.23
C ASN B 188 -0.85 -0.93 -3.67
N LEU B 189 -0.37 -0.41 -2.55
CA LEU B 189 0.79 -0.95 -1.86
C LEU B 189 0.39 -1.33 -0.43
N GLY B 190 0.75 -2.53 -0.03
CA GLY B 190 0.43 -3.01 1.31
C GLY B 190 1.50 -3.95 1.81
N GLY B 191 1.68 -3.96 3.13
CA GLY B 191 2.66 -4.82 3.73
C GLY B 191 2.99 -4.36 5.14
N SER B 192 4.14 -4.82 5.63
CA SER B 192 4.56 -4.54 6.99
C SER B 192 6.07 -4.74 7.11
N LEU B 193 6.58 -4.52 8.32
CA LEU B 193 7.99 -4.70 8.64
C LEU B 193 8.14 -4.79 10.15
N THR B 194 8.98 -5.73 10.59
CA THR B 194 9.17 -5.99 12.02
C THR B 194 10.65 -5.89 12.37
N ARG B 195 10.94 -5.21 13.48
CA ARG B 195 12.29 -5.03 13.98
C ARG B 195 12.32 -5.31 15.48
N GLN B 196 13.48 -5.79 15.94
CA GLN B 196 13.71 -6.05 17.36
C GLN B 196 14.89 -5.21 17.84
N MET B 197 14.87 -4.87 19.13
CA MET B 197 15.90 -4.03 19.72
C MET B 197 16.23 -4.52 21.12
N GLU B 198 17.45 -4.24 21.55
CA GLU B 198 17.90 -4.59 22.90
C GLU B 198 19.03 -3.65 23.26
N LYS B 199 18.86 -2.88 24.32
CA LYS B 199 19.83 -1.86 24.72
C LYS B 199 19.53 -1.45 26.15
N ASP B 200 20.56 -0.91 26.81
CA ASP B 200 20.42 -0.40 28.17
C ASP B 200 20.95 1.02 28.23
N GLU B 201 20.19 1.91 28.86
CA GLU B 201 20.55 3.30 29.04
C GLU B 201 20.40 3.68 30.50
N THR B 202 21.10 4.73 30.91
CA THR B 202 21.05 5.18 32.29
C THR B 202 19.67 5.76 32.61
N VAL B 203 19.25 5.58 33.86
CA VAL B 203 17.94 6.05 34.32
C VAL B 203 18.13 7.09 35.42
N SER B 204 18.36 8.34 35.03
CA SER B 204 18.49 9.43 35.98
C SER B 204 17.14 10.12 36.16
N ASP B 205 17.12 11.18 36.96
CA ASP B 205 15.91 11.97 37.11
C ASP B 205 15.66 12.87 35.90
N SER B 206 16.71 13.23 35.16
CA SER B 206 16.55 14.00 33.94
C SER B 206 16.24 13.12 32.73
N SER B 207 16.24 11.81 32.89
CA SER B 207 15.87 10.89 31.82
C SER B 207 15.19 9.67 32.43
N PRO B 208 13.90 9.79 32.74
CA PRO B 208 13.19 8.64 33.33
C PRO B 208 12.96 7.51 32.35
N HIS B 209 12.12 6.54 32.73
CA HIS B 209 11.86 5.40 31.87
C HIS B 209 11.20 5.84 30.56
N ILE B 210 10.18 6.69 30.65
CA ILE B 210 9.44 7.09 29.46
C ILE B 210 10.33 7.88 28.51
N ALA B 211 11.25 8.67 29.04
CA ALA B 211 12.19 9.39 28.18
C ALA B 211 13.12 8.41 27.45
N ASN B 212 13.39 7.25 28.05
CA ASN B 212 14.21 6.24 27.38
C ASN B 212 13.38 5.43 26.39
N ILE B 213 12.14 5.09 26.75
CA ILE B 213 11.29 4.30 25.86
C ILE B 213 10.94 5.11 24.61
N GLY B 214 10.52 6.36 24.81
CA GLY B 214 10.21 7.20 23.67
C GLY B 214 11.41 7.48 22.78
N ARG B 215 12.60 7.55 23.38
CA ARG B 215 13.81 7.79 22.59
C ARG B 215 14.15 6.57 21.73
N LEU B 216 13.74 5.38 22.16
CA LEU B 216 13.93 4.17 21.36
C LEU B 216 12.82 3.96 20.34
N VAL B 217 11.60 4.38 20.66
CA VAL B 217 10.51 4.28 19.68
C VAL B 217 10.73 5.27 18.55
N GLU B 218 11.21 6.47 18.86
CA GLU B 218 11.45 7.47 17.83
C GLU B 218 12.54 7.03 16.87
N ASP B 219 13.68 6.58 17.40
CA ASP B 219 14.77 6.12 16.55
C ASP B 219 14.37 4.91 15.72
N MET B 220 13.55 4.03 16.30
CA MET B 220 13.12 2.84 15.58
C MET B 220 12.20 3.21 14.42
N GLU B 221 11.19 4.03 14.68
CA GLU B 221 10.26 4.42 13.62
C GLU B 221 10.95 5.22 12.53
N ASN B 222 11.98 5.99 12.87
CA ASN B 222 12.75 6.66 11.83
C ASN B 222 13.54 5.68 11.00
N LYS B 223 14.02 4.59 11.61
CA LYS B 223 14.72 3.56 10.85
C LYS B 223 13.75 2.76 9.99
N ILE B 224 12.61 2.37 10.55
CA ILE B 224 11.63 1.59 9.79
C ILE B 224 11.08 2.41 8.63
N ARG B 225 10.83 3.70 8.84
CA ARG B 225 10.34 4.55 7.76
C ARG B 225 11.31 4.59 6.60
N SER B 226 12.61 4.65 6.90
CA SER B 226 13.62 4.68 5.85
C SER B 226 13.62 3.38 5.05
N THR B 227 13.50 2.25 5.73
CA THR B 227 13.44 0.97 5.02
C THR B 227 12.14 0.83 4.24
N LEU B 228 11.02 1.31 4.81
CA LEU B 228 9.75 1.24 4.10
C LEU B 228 9.77 2.07 2.82
N ASN B 229 10.38 3.25 2.87
CA ASN B 229 10.45 4.10 1.69
C ASN B 229 11.26 3.43 0.58
N GLU B 230 12.22 2.59 0.93
CA GLU B 230 13.05 1.95 -0.09
C GLU B 230 12.39 0.69 -0.66
N ILE B 231 11.74 -0.10 0.20
CA ILE B 231 11.13 -1.32 -0.32
C ILE B 231 9.79 -1.04 -0.99
N TYR B 232 9.09 0.02 -0.58
CA TYR B 232 7.81 0.35 -1.19
C TYR B 232 7.98 1.09 -2.50
N PHE B 233 8.72 2.19 -2.50
CA PHE B 233 8.81 3.09 -3.64
C PHE B 233 10.12 2.97 -4.39
N GLY B 234 10.98 2.01 -4.03
CA GLY B 234 12.21 1.80 -4.75
C GLY B 234 12.34 0.38 -5.27
N LYS B 235 12.25 -0.59 -4.35
CA LYS B 235 12.40 -1.99 -4.72
C LYS B 235 11.29 -2.44 -5.65
N THR B 236 10.03 -2.18 -5.28
CA THR B 236 8.93 -2.61 -6.13
C THR B 236 8.89 -1.82 -7.44
N LYS B 237 9.40 -0.59 -7.44
CA LYS B 237 9.47 0.16 -8.69
C LYS B 237 10.44 -0.50 -9.67
N ASP B 238 11.61 -0.90 -9.19
CA ASP B 238 12.59 -1.55 -10.07
C ASP B 238 12.07 -2.87 -10.60
N ILE B 239 11.29 -3.60 -9.81
CA ILE B 239 10.73 -4.86 -10.28
C ILE B 239 9.71 -4.60 -11.40
N VAL B 240 8.92 -3.54 -11.26
CA VAL B 240 7.95 -3.19 -12.30
C VAL B 240 8.65 -2.85 -13.60
N ASN B 241 9.69 -2.02 -13.52
CA ASN B 241 10.42 -1.63 -14.73
C ASN B 241 11.17 -2.80 -15.33
N GLY B 242 11.50 -3.81 -14.53
CA GLY B 242 12.12 -5.01 -15.06
C GLY B 242 11.16 -5.90 -15.82
N LEU B 243 9.85 -5.80 -15.53
CA LEU B 243 8.84 -6.56 -16.27
C LEU B 243 8.60 -6.01 -17.66
N ARG B 244 8.99 -4.78 -17.93
CA ARG B 244 8.82 -4.18 -19.24
C ARG B 244 10.12 -3.53 -19.70
N CYS C 7 -13.45 15.35 11.02
CA CYS C 7 -13.70 16.03 9.74
C CYS C 7 -12.58 17.02 9.44
N ASP C 8 -11.84 17.41 10.48
CA ASP C 8 -10.69 18.28 10.28
C ASP C 8 -9.51 17.51 9.69
N LYS C 9 -9.36 16.23 10.06
CA LYS C 9 -8.24 15.45 9.54
C LYS C 9 -8.40 15.17 8.06
N GLU C 10 -9.63 14.90 7.60
CA GLU C 10 -9.85 14.59 6.20
C GLU C 10 -9.64 15.82 5.32
N PHE C 11 -9.95 17.01 5.84
CA PHE C 11 -9.57 18.24 5.15
C PHE C 11 -8.06 18.39 5.12
N MET C 12 -7.39 18.04 6.22
CA MET C 12 -5.93 18.08 6.25
C MET C 12 -5.33 17.06 5.29
N TRP C 13 -5.97 15.90 5.14
CA TRP C 13 -5.47 14.89 4.22
C TRP C 13 -5.56 15.37 2.78
N ALA C 14 -6.67 16.04 2.43
CA ALA C 14 -6.82 16.56 1.07
C ALA C 14 -5.84 17.69 0.80
N LEU C 15 -5.55 18.52 1.80
CA LEU C 15 -4.60 19.62 1.61
C LEU C 15 -3.20 19.09 1.35
N LYS C 16 -2.78 18.06 2.10
CA LYS C 16 -1.41 17.58 1.97
C LYS C 16 -1.18 16.86 0.65
N ASN C 17 -2.14 16.05 0.21
CA ASN C 17 -2.00 15.29 -1.01
C ASN C 17 -2.46 16.05 -2.25
N GLY C 18 -3.04 17.24 -2.09
CA GLY C 18 -3.34 18.09 -3.23
C GLY C 18 -4.58 17.71 -4.01
N ASP C 19 -5.56 17.07 -3.37
CA ASP C 19 -6.82 16.76 -4.03
C ASP C 19 -7.64 18.04 -4.10
N LEU C 20 -7.48 18.77 -5.21
CA LEU C 20 -8.11 20.07 -5.34
C LEU C 20 -9.63 19.97 -5.30
N ASP C 21 -10.20 18.89 -5.83
CA ASP C 21 -11.65 18.76 -5.83
C ASP C 21 -12.20 18.68 -4.40
N GLU C 22 -11.55 17.90 -3.53
CA GLU C 22 -12.00 17.81 -2.15
C GLU C 22 -11.77 19.12 -1.40
N VAL C 23 -10.62 19.75 -1.61
CA VAL C 23 -10.35 21.06 -0.99
C VAL C 23 -11.36 22.09 -1.47
N LYS C 24 -11.80 21.98 -2.72
CA LYS C 24 -12.78 22.93 -3.24
C LYS C 24 -14.14 22.75 -2.58
N ASP C 25 -14.56 21.50 -2.37
CA ASP C 25 -15.85 21.25 -1.75
C ASP C 25 -15.88 21.71 -0.30
N TYR C 26 -14.82 21.42 0.46
CA TYR C 26 -14.78 21.81 1.86
C TYR C 26 -14.94 23.32 2.01
N VAL C 27 -14.22 24.10 1.20
CA VAL C 27 -14.32 25.54 1.28
C VAL C 27 -15.67 26.02 0.76
N ALA C 28 -16.18 25.37 -0.30
CA ALA C 28 -17.47 25.77 -0.85
C ALA C 28 -18.60 25.51 0.14
N LYS C 29 -18.45 24.50 1.00
CA LYS C 29 -19.47 24.20 1.99
C LYS C 29 -19.55 25.26 3.09
N GLY C 30 -18.61 26.19 3.15
CA GLY C 30 -18.68 27.27 4.11
C GLY C 30 -17.53 27.31 5.11
N GLU C 31 -16.49 26.53 4.85
CA GLU C 31 -15.35 26.47 5.75
C GLU C 31 -14.46 27.70 5.59
N ASP C 32 -13.66 27.97 6.61
CA ASP C 32 -12.79 29.13 6.65
C ASP C 32 -11.38 28.73 6.21
N VAL C 33 -10.90 29.34 5.12
CA VAL C 33 -9.55 29.07 4.65
C VAL C 33 -8.48 29.60 5.58
N ASN C 34 -8.87 30.40 6.59
CA ASN C 34 -7.94 30.95 7.56
C ASN C 34 -8.04 30.32 8.93
N ARG C 35 -8.97 29.38 9.13
CA ARG C 35 -9.14 28.75 10.43
C ARG C 35 -8.02 27.74 10.67
N THR C 36 -7.36 27.87 11.82
CA THR C 36 -6.36 26.89 12.24
C THR C 36 -7.05 25.57 12.54
N LEU C 37 -6.62 24.51 11.85
CA LEU C 37 -7.18 23.19 12.10
C LEU C 37 -6.71 22.66 13.46
N GLU C 38 -7.33 21.56 13.89
CA GLU C 38 -7.00 21.00 15.20
C GLU C 38 -5.55 20.53 15.26
N GLY C 39 -4.93 20.22 14.12
CA GLY C 39 -3.52 19.86 14.11
C GLY C 39 -2.62 20.99 14.56
N GLY C 40 -3.00 22.23 14.28
CA GLY C 40 -2.24 23.39 14.72
C GLY C 40 -1.76 24.29 13.60
N ARG C 41 -2.17 24.02 12.37
CA ARG C 41 -1.75 24.81 11.22
C ARG C 41 -2.97 25.23 10.42
N LYS C 42 -2.81 26.30 9.65
CA LYS C 42 -3.82 26.78 8.73
C LYS C 42 -3.68 26.09 7.37
N PRO C 43 -4.74 26.05 6.57
CA PRO C 43 -4.68 25.34 5.27
C PRO C 43 -3.52 25.75 4.39
N LEU C 44 -3.06 27.00 4.46
CA LEU C 44 -1.88 27.39 3.68
C LEU C 44 -0.64 26.66 4.14
N HIS C 45 -0.53 26.36 5.44
CA HIS C 45 0.66 25.70 5.95
C HIS C 45 0.76 24.27 5.44
N TYR C 46 -0.34 23.50 5.55
CA TYR C 46 -0.31 22.11 5.12
C TYR C 46 -0.01 21.97 3.63
N ALA C 47 -0.48 22.93 2.82
CA ALA C 47 -0.20 22.88 1.39
C ALA C 47 1.26 23.23 1.11
N ALA C 48 1.74 24.35 1.66
CA ALA C 48 3.12 24.76 1.43
C ALA C 48 4.10 23.76 2.02
N ASP C 49 3.74 23.10 3.12
CA ASP C 49 4.62 22.10 3.72
C ASP C 49 4.84 20.92 2.78
N CYS C 50 3.86 20.62 1.91
CA CYS C 50 3.96 19.51 0.98
C CYS C 50 4.18 19.95 -0.45
N GLY C 51 4.49 21.23 -0.67
CA GLY C 51 4.78 21.71 -2.01
C GLY C 51 3.60 21.69 -2.96
N GLN C 52 2.38 21.85 -2.45
CA GLN C 52 1.17 21.82 -3.27
C GLN C 52 0.96 23.21 -3.85
N LEU C 53 1.55 23.43 -5.03
CA LEU C 53 1.43 24.74 -5.69
C LEU C 53 -0.01 25.03 -6.09
N GLU C 54 -0.71 24.02 -6.64
N GLU C 54 -0.69 24.01 -6.64
CA GLU C 54 -2.07 24.24 -7.10
CA GLU C 54 -2.07 24.18 -7.10
C GLU C 54 -3.03 24.49 -5.93
C GLU C 54 -3.00 24.50 -5.94
N ILE C 55 -2.74 23.94 -4.75
CA ILE C 55 -3.58 24.20 -3.59
C ILE C 55 -3.31 25.58 -3.02
N LEU C 56 -2.06 26.04 -3.07
CA LEU C 56 -1.75 27.39 -2.61
C LEU C 56 -2.45 28.44 -3.46
N GLU C 57 -2.43 28.27 -4.78
CA GLU C 57 -3.07 29.24 -5.67
C GLU C 57 -4.57 29.35 -5.37
N PHE C 58 -5.21 28.23 -5.07
CA PHE C 58 -6.64 28.25 -4.79
C PHE C 58 -6.93 28.94 -3.46
N LEU C 59 -6.19 28.56 -2.40
CA LEU C 59 -6.40 29.19 -1.10
C LEU C 59 -6.11 30.68 -1.13
N LEU C 60 -5.16 31.12 -1.97
CA LEU C 60 -4.81 32.52 -2.01
C LEU C 60 -5.91 33.35 -2.67
N LEU C 61 -6.36 32.94 -3.85
CA LEU C 61 -7.45 33.67 -4.50
C LEU C 61 -8.78 33.47 -3.78
N LYS C 62 -8.84 32.57 -2.80
CA LYS C 62 -10.03 32.41 -1.96
C LYS C 62 -9.94 33.24 -0.69
N GLY C 63 -8.87 34.01 -0.50
CA GLY C 63 -8.78 34.97 0.57
C GLY C 63 -8.03 34.55 1.81
N ALA C 64 -7.01 33.71 1.70
CA ALA C 64 -6.26 33.26 2.86
C ALA C 64 -5.15 34.24 3.19
N ASP C 65 -4.81 34.32 4.48
CA ASP C 65 -3.76 35.21 4.95
C ASP C 65 -2.41 34.59 4.63
N ILE C 66 -1.66 35.23 3.72
CA ILE C 66 -0.40 34.68 3.25
C ILE C 66 0.72 34.78 4.27
N ASN C 67 0.52 35.53 5.36
CA ASN C 67 1.56 35.74 6.36
C ASN C 67 1.18 35.22 7.74
N ALA C 68 0.09 34.47 7.85
CA ALA C 68 -0.36 34.03 9.16
C ALA C 68 0.51 32.88 9.67
N PRO C 69 0.92 32.93 10.94
CA PRO C 69 1.72 31.83 11.51
C PRO C 69 0.85 30.73 12.09
N ASP C 70 1.45 29.55 12.21
CA ASP C 70 0.83 28.41 12.84
C ASP C 70 1.28 28.33 14.29
N LYS C 71 0.97 27.21 14.97
CA LYS C 71 1.39 27.05 16.35
C LYS C 71 2.90 26.89 16.50
N HIS C 72 3.63 26.74 15.39
CA HIS C 72 5.08 26.72 15.41
C HIS C 72 5.69 28.06 15.06
N HIS C 73 4.85 29.09 14.87
CA HIS C 73 5.30 30.43 14.48
C HIS C 73 6.00 30.41 13.14
N ILE C 74 5.46 29.61 12.21
CA ILE C 74 6.04 29.45 10.88
C ILE C 74 5.07 30.02 9.86
N THR C 75 5.56 30.90 9.01
CA THR C 75 4.77 31.47 7.94
C THR C 75 4.64 30.49 6.78
N PRO C 76 3.62 30.66 5.93
CA PRO C 76 3.54 29.80 4.74
C PRO C 76 4.77 29.90 3.84
N LEU C 77 5.41 31.06 3.77
CA LEU C 77 6.65 31.18 3.03
C LEU C 77 7.76 30.39 3.70
N LEU C 78 7.90 30.53 5.02
CA LEU C 78 8.94 29.81 5.74
C LEU C 78 8.72 28.30 5.67
N SER C 79 7.46 27.87 5.67
CA SER C 79 7.17 26.44 5.59
C SER C 79 7.69 25.84 4.29
N ALA C 80 7.41 26.51 3.17
CA ALA C 80 7.93 26.04 1.89
C ALA C 80 9.45 26.13 1.83
N VAL C 81 10.04 27.12 2.50
CA VAL C 81 11.50 27.26 2.50
C VAL C 81 12.13 26.13 3.32
N TYR C 82 11.55 25.81 4.48
CA TYR C 82 12.12 24.76 5.32
C TYR C 82 12.14 23.42 4.59
N GLU C 83 11.07 23.12 3.85
CA GLU C 83 10.94 21.84 3.17
C GLU C 83 11.50 21.84 1.76
N GLY C 84 12.00 22.98 1.29
CA GLY C 84 12.69 23.03 0.02
C GLY C 84 11.81 22.94 -1.21
N HIS C 85 10.66 23.62 -1.20
CA HIS C 85 9.74 23.62 -2.33
C HIS C 85 9.95 24.91 -3.11
N VAL C 86 10.73 24.82 -4.19
CA VAL C 86 11.18 26.01 -4.91
C VAL C 86 10.00 26.74 -5.55
N SER C 87 9.19 26.02 -6.34
CA SER C 87 8.09 26.67 -7.05
C SER C 87 7.06 27.26 -6.10
N CYS C 88 6.93 26.69 -4.90
CA CYS C 88 6.02 27.27 -3.92
C CYS C 88 6.56 28.57 -3.35
N VAL C 89 7.88 28.65 -3.14
CA VAL C 89 8.48 29.91 -2.72
C VAL C 89 8.31 30.97 -3.81
N LYS C 90 8.38 30.56 -5.07
CA LYS C 90 8.23 31.51 -6.17
C LYS C 90 6.83 32.10 -6.20
N LEU C 91 5.81 31.27 -6.03
CA LEU C 91 4.43 31.76 -6.06
C LEU C 91 4.14 32.66 -4.87
N LEU C 92 4.54 32.22 -3.67
CA LEU C 92 4.25 33.00 -2.47
C LEU C 92 4.89 34.37 -2.53
N LEU C 93 6.12 34.45 -3.01
CA LEU C 93 6.78 35.76 -3.15
C LEU C 93 6.07 36.61 -4.20
N SER C 94 5.60 35.99 -5.28
CA SER C 94 4.90 36.75 -6.32
C SER C 94 3.56 37.26 -5.83
N LYS C 95 2.91 36.53 -4.92
CA LYS C 95 1.63 36.94 -4.36
C LYS C 95 1.77 37.86 -3.16
N GLY C 96 2.98 38.26 -2.81
CA GLY C 96 3.19 39.27 -1.80
C GLY C 96 3.54 38.78 -0.41
N ALA C 97 4.09 37.57 -0.27
CA ALA C 97 4.48 37.08 1.05
C ALA C 97 5.60 37.93 1.63
N ASP C 98 5.49 38.23 2.92
CA ASP C 98 6.46 39.07 3.61
C ASP C 98 7.69 38.23 3.96
N LYS C 99 8.78 38.42 3.22
CA LYS C 99 9.99 37.65 3.45
C LYS C 99 10.82 38.18 4.60
N THR C 100 10.42 39.27 5.23
CA THR C 100 11.15 39.84 6.35
C THR C 100 10.76 39.23 7.70
N VAL C 101 9.72 38.41 7.74
CA VAL C 101 9.28 37.82 9.00
C VAL C 101 10.26 36.76 9.46
N LYS C 102 10.61 36.79 10.74
CA LYS C 102 11.52 35.81 11.31
C LYS C 102 10.75 34.62 11.85
N GLY C 103 11.35 33.43 11.70
CA GLY C 103 10.76 32.22 12.21
C GLY C 103 10.98 32.07 13.70
N PRO C 104 10.65 30.90 14.25
CA PRO C 104 10.84 30.69 15.69
C PRO C 104 12.29 30.74 16.13
N ASP C 105 13.24 30.63 15.20
CA ASP C 105 14.66 30.71 15.53
C ASP C 105 15.23 32.11 15.35
N GLY C 106 14.40 33.10 15.02
CA GLY C 106 14.86 34.46 14.84
C GLY C 106 15.49 34.76 13.50
N LEU C 107 15.40 33.84 12.54
CA LEU C 107 16.01 34.01 11.24
C LEU C 107 14.95 34.22 10.18
N THR C 108 15.28 35.05 9.19
CA THR C 108 14.42 35.22 8.03
C THR C 108 14.52 33.98 7.12
N ALA C 109 13.72 33.97 6.06
CA ALA C 109 13.77 32.86 5.12
C ALA C 109 15.12 32.80 4.42
N PHE C 110 15.71 33.96 4.12
CA PHE C 110 17.01 33.99 3.46
C PHE C 110 18.12 33.45 4.34
N GLU C 111 18.00 33.61 5.65
CA GLU C 111 19.04 33.17 6.59
C GLU C 111 18.84 31.75 7.08
N ALA C 112 17.72 31.11 6.74
CA ALA C 112 17.34 29.83 7.32
C ALA C 112 17.48 28.66 6.34
N THR C 113 18.03 28.89 5.15
CA THR C 113 18.15 27.84 4.16
C THR C 113 19.49 27.95 3.45
N ASP C 114 20.02 26.79 3.07
CA ASP C 114 21.21 26.72 2.23
C ASP C 114 20.87 26.44 0.76
N ASN C 115 19.58 26.42 0.42
CA ASN C 115 19.14 26.18 -0.94
C ASN C 115 19.48 27.40 -1.80
N GLN C 116 20.40 27.22 -2.76
CA GLN C 116 20.81 28.34 -3.58
C GLN C 116 19.69 28.82 -4.49
N ALA C 117 18.89 27.89 -5.01
CA ALA C 117 17.74 28.28 -5.81
C ALA C 117 16.76 29.10 -4.98
N ILE C 118 16.47 28.66 -3.77
CA ILE C 118 15.53 29.39 -2.92
C ILE C 118 16.14 30.70 -2.45
N LYS C 119 17.44 30.71 -2.16
CA LYS C 119 18.10 31.96 -1.79
C LYS C 119 18.08 32.97 -2.93
N ALA C 120 18.15 32.51 -4.17
CA ALA C 120 18.09 33.42 -5.31
C ALA C 120 16.71 34.05 -5.43
N LEU C 121 15.66 33.28 -5.14
CA LEU C 121 14.31 33.85 -5.16
C LEU C 121 14.13 34.87 -4.04
N LEU C 122 14.76 34.65 -2.89
CA LEU C 122 14.59 35.50 -1.72
C LEU C 122 15.44 36.76 -1.75
N GLN C 123 16.07 37.06 -2.87
CA GLN C 123 16.94 38.23 -2.95
C GLN C 123 16.19 39.44 -3.50
MG MG D . 12.14 -1.26 -21.11
MG MG E . 23.01 29.00 6.10
#